data_4XXK
#
_entry.id   4XXK
#
_cell.length_a   36.980
_cell.length_b   66.590
_cell.length_c   81.420
_cell.angle_alpha   90.00
_cell.angle_beta   91.07
_cell.angle_gamma   90.00
#
_symmetry.space_group_name_H-M   'P 1 21 1'
#
loop_
_entity.id
_entity.type
_entity.pdbx_description
1 polymer 'Phycobiliprotein ApcE'
2 non-polymer PHYCOCYANOBILIN
#
_entity_poly.entity_id   1
_entity_poly.type   'polypeptide(L)'
_entity_poly.pdbx_seq_one_letter_code
;(MSE)LAVATITQAEQQDRFLGRGELDELASYFASGAKRLEIAQLLTENSEIIVSRAANRIFQKIEN(MSE)AKSLRDLS
WFLRYATYAIVAGDPNIIVVNTRGLREIIENACSGEATIVALQEIKAASLSYFRKDPEAAEIVSQY(MSE)DVLITEFKA
PLEHHHHHH
;
_entity_poly.pdbx_strand_id   A,B
#
loop_
_chem_comp.id
_chem_comp.type
_chem_comp.name
_chem_comp.formula
CYC non-polymer PHYCOCYANOBILIN 'C33 H40 N4 O6'
#
# COMPACT_ATOMS: atom_id res chain seq x y z
N LEU A 2 4.54 6.47 -3.31
CA LEU A 2 5.42 5.61 -2.52
C LEU A 2 5.94 4.47 -3.42
N ALA A 3 4.99 3.75 -4.04
CA ALA A 3 5.23 3.03 -5.28
C ALA A 3 4.75 3.93 -6.40
N VAL A 4 3.65 4.63 -6.14
CA VAL A 4 3.19 5.74 -6.95
C VAL A 4 4.32 6.73 -7.20
N ALA A 5 5.13 6.97 -6.16
CA ALA A 5 6.31 7.84 -6.29
C ALA A 5 7.27 7.37 -7.38
N THR A 6 7.70 6.10 -7.29
CA THR A 6 8.52 5.48 -8.33
C THR A 6 7.83 5.50 -9.70
N ILE A 7 6.66 4.89 -9.79
CA ILE A 7 5.92 4.85 -11.04
C ILE A 7 5.79 6.25 -11.68
N THR A 8 5.50 7.28 -10.90
CA THR A 8 5.26 8.61 -11.49
C THR A 8 6.51 9.17 -12.15
N GLN A 9 7.69 8.90 -11.58
CA GLN A 9 8.88 9.47 -12.20
C GLN A 9 9.40 8.58 -13.34
N ALA A 10 9.00 7.30 -13.36
CA ALA A 10 9.16 6.46 -14.54
C ALA A 10 8.22 6.88 -15.68
N GLU A 11 7.00 7.25 -15.29
CA GLU A 11 5.98 7.62 -16.24
C GLU A 11 6.38 8.87 -17.02
N GLN A 12 7.16 9.73 -16.39
CA GLN A 12 7.51 10.99 -17.02
C GLN A 12 8.69 10.82 -18.00
N GLN A 13 9.51 9.79 -17.82
CA GLN A 13 10.53 9.45 -18.81
C GLN A 13 10.01 8.46 -19.86
N ASP A 14 8.72 8.13 -19.76
CA ASP A 14 8.08 7.19 -20.66
C ASP A 14 8.82 5.87 -20.72
N ARG A 15 9.28 5.40 -19.56
CA ARG A 15 10.08 4.18 -19.51
C ARG A 15 9.46 3.11 -18.61
N PHE A 16 9.86 1.85 -18.81
CA PHE A 16 9.56 0.81 -17.85
C PHE A 16 10.34 1.03 -16.55
N LEU A 17 9.98 0.31 -15.50
CA LEU A 17 10.70 0.39 -14.23
C LEU A 17 12.01 -0.36 -14.30
N GLY A 18 13.06 0.21 -13.70
CA GLY A 18 14.34 -0.45 -13.64
C GLY A 18 14.34 -1.60 -12.65
N ARG A 19 15.35 -2.46 -12.69
CA ARG A 19 15.42 -3.58 -11.76
C ARG A 19 15.87 -3.07 -10.40
N GLY A 20 16.50 -1.90 -10.39
CA GLY A 20 16.87 -1.28 -9.15
C GLY A 20 15.61 -0.85 -8.43
N GLU A 21 14.75 -0.14 -9.16
CA GLU A 21 13.49 0.37 -8.63
C GLU A 21 12.58 -0.78 -8.24
N LEU A 22 12.62 -1.83 -9.05
CA LEU A 22 11.85 -3.03 -8.79
C LEU A 22 12.31 -3.73 -7.51
N ASP A 23 13.58 -3.56 -7.15
CA ASP A 23 14.10 -4.23 -5.97
C ASP A 23 13.89 -3.38 -4.71
N GLU A 24 13.94 -2.06 -4.86
CA GLU A 24 13.64 -1.17 -3.73
C GLU A 24 12.15 -1.21 -3.40
N LEU A 25 11.33 -1.55 -4.40
CA LEU A 25 9.91 -1.76 -4.17
C LEU A 25 9.65 -3.10 -3.46
N ALA A 26 10.49 -4.10 -3.70
CA ALA A 26 10.35 -5.38 -3.04
C ALA A 26 10.53 -5.28 -1.53
N SER A 27 11.44 -4.40 -1.09
CA SER A 27 11.74 -4.23 0.33
C SER A 27 10.63 -3.48 1.02
N TYR A 28 10.22 -2.40 0.36
CA TYR A 28 9.09 -1.60 0.77
C TYR A 28 7.86 -2.44 1.08
N PHE A 29 7.59 -3.42 0.22
CA PHE A 29 6.40 -4.26 0.35
C PHE A 29 6.58 -5.22 1.51
N ALA A 30 7.77 -5.79 1.61
CA ALA A 30 8.09 -6.69 2.71
C ALA A 30 7.96 -6.01 4.09
N SER A 31 8.43 -4.76 4.19
CA SER A 31 8.29 -3.96 5.40
C SER A 31 6.83 -3.69 5.72
N GLY A 32 6.07 -3.41 4.67
CA GLY A 32 4.66 -3.08 4.81
C GLY A 32 3.87 -4.25 5.34
N ALA A 33 4.14 -5.43 4.79
CA ALA A 33 3.48 -6.63 5.26
C ALA A 33 3.74 -6.84 6.75
N LYS A 34 5.00 -6.63 7.14
CA LYS A 34 5.41 -6.85 8.52
C LYS A 34 4.78 -5.84 9.45
N ARG A 35 4.66 -4.60 9.00
CA ARG A 35 3.98 -3.58 9.79
C ARG A 35 2.49 -3.89 10.01
N LEU A 36 1.83 -4.45 9.00
CA LEU A 36 0.39 -4.74 9.05
C LEU A 36 0.07 -5.93 9.94
N GLU A 37 1.02 -6.84 10.02
CA GLU A 37 0.91 -7.95 10.93
C GLU A 37 0.94 -7.42 12.37
N ILE A 38 1.78 -6.43 12.63
CA ILE A 38 1.86 -5.78 13.93
C ILE A 38 0.60 -4.96 14.24
N ALA A 39 0.08 -4.24 13.25
CA ALA A 39 -1.14 -3.48 13.46
C ALA A 39 -2.34 -4.39 13.74
N GLN A 40 -2.48 -5.47 12.99
CA GLN A 40 -3.54 -6.46 13.27
C GLN A 40 -3.53 -6.90 14.74
N LEU A 41 -2.35 -7.25 15.25
CA LEU A 41 -2.26 -7.74 16.61
C LEU A 41 -2.62 -6.67 17.64
N LEU A 42 -1.98 -5.51 17.55
CA LEU A 42 -2.29 -4.43 18.45
C LEU A 42 -3.77 -4.06 18.36
N THR A 43 -4.36 -4.15 17.17
CA THR A 43 -5.76 -3.76 17.00
C THR A 43 -6.72 -4.83 17.52
N GLU A 44 -6.42 -6.10 17.27
CA GLU A 44 -7.23 -7.21 17.79
C GLU A 44 -7.22 -7.25 19.32
N ASN A 45 -6.17 -6.73 19.90
CA ASN A 45 -5.90 -6.89 21.32
C ASN A 45 -5.93 -5.56 22.05
N SER A 46 -6.53 -4.57 21.40
CA SER A 46 -6.51 -3.21 21.89
C SER A 46 -7.08 -3.11 23.30
N GLU A 47 -8.26 -3.69 23.50
CA GLU A 47 -8.96 -3.62 24.77
C GLU A 47 -8.16 -4.17 25.93
N ILE A 48 -7.67 -5.40 25.75
CA ILE A 48 -6.75 -6.03 26.68
C ILE A 48 -5.54 -5.13 27.03
N ILE A 49 -4.94 -4.57 25.99
CA ILE A 49 -3.80 -3.65 26.11
C ILE A 49 -4.15 -2.37 26.85
N VAL A 50 -5.38 -1.87 26.69
CA VAL A 50 -5.73 -0.61 27.38
C VAL A 50 -6.09 -0.89 28.83
N SER A 51 -6.74 -2.01 29.11
CA SER A 51 -7.05 -2.39 30.49
C SER A 51 -5.78 -2.45 31.32
N ARG A 52 -4.80 -3.20 30.84
CA ARG A 52 -3.52 -3.33 31.53
C ARG A 52 -2.91 -1.96 31.83
N ALA A 53 -2.95 -1.06 30.85
CA ALA A 53 -2.51 0.32 31.05
C ALA A 53 -3.33 1.01 32.12
N ALA A 54 -4.65 0.91 32.03
CA ALA A 54 -5.56 1.49 33.01
C ALA A 54 -5.33 0.96 34.45
N ASN A 55 -5.23 -0.37 34.59
CA ASN A 55 -5.07 -1.02 35.90
C ASN A 55 -3.80 -0.59 36.61
N ARG A 56 -2.78 -0.25 35.82
CA ARG A 56 -1.51 0.18 36.36
C ARG A 56 -1.61 1.54 37.08
N ILE A 57 -2.68 2.29 36.82
CA ILE A 57 -2.87 3.61 37.44
C ILE A 57 -4.26 3.92 38.01
N PHE A 58 -5.10 2.91 38.26
CA PHE A 58 -6.51 3.19 38.53
C PHE A 58 -6.75 4.01 39.80
N GLN A 59 -5.89 3.84 40.81
CA GLN A 59 -6.15 4.48 42.11
C GLN A 59 -6.22 6.00 42.01
N LYS A 60 -5.59 6.56 40.99
CA LYS A 60 -5.43 8.01 40.87
C LYS A 60 -6.46 8.63 39.93
N ILE A 61 -7.31 7.79 39.34
CA ILE A 61 -8.21 8.23 38.29
C ILE A 61 -9.53 8.81 38.79
N GLU A 62 -9.73 10.09 38.48
CA GLU A 62 -10.92 10.82 38.89
C GLU A 62 -11.93 10.87 37.76
N ASN A 63 -11.58 10.27 36.62
CA ASN A 63 -12.53 10.20 35.50
C ASN A 63 -12.27 8.98 34.63
N MSE A 64 -12.87 7.86 35.02
CA MSE A 64 -12.53 6.59 34.39
C MSE A 64 -12.82 6.59 32.88
O MSE A 64 -11.98 6.17 32.09
CB MSE A 64 -13.29 5.46 35.08
CG MSE A 64 -12.92 4.06 34.57
SE MSE A 64 -11.04 3.48 35.13
CE MSE A 64 -11.29 3.41 37.10
N ALA A 65 -13.98 7.12 32.48
CA ALA A 65 -14.39 7.06 31.08
C ALA A 65 -13.39 7.77 30.17
N LYS A 66 -13.07 9.01 30.50
CA LYS A 66 -12.10 9.76 29.70
C LYS A 66 -10.71 9.11 29.72
N SER A 67 -10.26 8.63 30.88
CA SER A 67 -8.92 8.04 30.95
C SER A 67 -8.79 6.82 30.06
N LEU A 68 -9.79 5.93 30.14
CA LEU A 68 -9.89 4.80 29.23
C LEU A 68 -9.88 5.25 27.77
N ARG A 69 -10.69 6.26 27.47
CA ARG A 69 -10.82 6.80 26.13
C ARG A 69 -9.49 7.28 25.61
N ASP A 70 -8.75 8.01 26.44
CA ASP A 70 -7.50 8.60 25.99
C ASP A 70 -6.45 7.56 25.83
N LEU A 71 -6.45 6.60 26.74
CA LEU A 71 -5.54 5.47 26.62
C LEU A 71 -5.79 4.77 25.29
N SER A 72 -7.06 4.58 24.95
CA SER A 72 -7.43 3.98 23.67
C SER A 72 -6.99 4.85 22.50
N TRP A 73 -7.10 6.15 22.65
CA TRP A 73 -6.75 7.07 21.59
C TRP A 73 -5.25 7.06 21.34
N PHE A 74 -4.44 6.90 22.37
CA PHE A 74 -2.98 6.84 22.15
C PHE A 74 -2.64 5.60 21.29
N LEU A 75 -3.00 4.42 21.76
CA LEU A 75 -2.74 3.19 21.04
C LEU A 75 -3.25 3.25 19.60
N ARG A 76 -4.46 3.78 19.44
CA ARG A 76 -5.12 4.00 18.14
C ARG A 76 -4.19 4.74 17.16
N TYR A 77 -3.75 5.93 17.54
CA TYR A 77 -2.87 6.70 16.65
C TYR A 77 -1.50 6.00 16.46
N ALA A 78 -1.10 5.14 17.38
CA ALA A 78 0.14 4.40 17.18
C ALA A 78 -0.01 3.40 16.05
N THR A 79 -1.12 2.65 16.05
CA THR A 79 -1.35 1.71 14.96
C THR A 79 -1.50 2.49 13.65
N TYR A 80 -2.07 3.69 13.70
CA TYR A 80 -2.11 4.54 12.52
C TYR A 80 -0.72 4.70 11.93
N ALA A 81 0.20 5.12 12.79
CA ALA A 81 1.60 5.34 12.46
C ALA A 81 2.29 4.07 11.99
N ILE A 82 2.04 2.94 12.64
CA ILE A 82 2.71 1.72 12.21
C ILE A 82 2.21 1.29 10.83
N VAL A 83 0.90 1.35 10.62
CA VAL A 83 0.31 0.97 9.34
C VAL A 83 0.94 1.79 8.21
N ALA A 84 1.07 3.09 8.43
CA ALA A 84 1.59 4.00 7.40
C ALA A 84 3.10 3.94 7.32
N GLY A 85 3.74 3.46 8.39
CA GLY A 85 5.18 3.45 8.50
C GLY A 85 5.70 4.87 8.64
N ASP A 86 4.83 5.75 9.15
CA ASP A 86 5.09 7.17 9.30
C ASP A 86 4.99 7.56 10.77
N PRO A 87 6.14 7.77 11.44
CA PRO A 87 6.05 8.15 12.86
C PRO A 87 5.63 9.60 13.07
N ASN A 88 5.55 10.38 12.00
CA ASN A 88 5.21 11.79 12.16
C ASN A 88 3.75 11.97 12.48
N ILE A 89 2.97 10.92 12.26
CA ILE A 89 1.56 10.93 12.62
C ILE A 89 1.40 11.11 14.14
N ILE A 90 2.39 10.59 14.87
CA ILE A 90 2.41 10.64 16.34
C ILE A 90 2.91 11.96 16.87
N VAL A 91 3.95 12.48 16.24
CA VAL A 91 4.42 13.82 16.55
C VAL A 91 3.29 14.83 16.37
N VAL A 92 2.62 14.82 15.23
CA VAL A 92 1.62 15.82 14.93
C VAL A 92 0.43 15.79 15.88
N ASN A 93 -0.02 14.58 16.25
CA ASN A 93 -1.22 14.47 17.08
C ASN A 93 -0.98 14.48 18.59
N THR A 94 0.28 14.54 19.03
CA THR A 94 0.58 14.64 20.46
C THR A 94 1.26 15.98 20.82
N ARG A 95 1.39 16.85 19.82
CA ARG A 95 1.77 18.25 20.05
C ARG A 95 0.86 18.86 21.10
N GLY A 96 1.45 19.49 22.12
CA GLY A 96 0.72 20.17 23.16
C GLY A 96 -0.28 19.34 23.93
N LEU A 97 -0.13 18.02 23.86
CA LEU A 97 -1.07 17.14 24.54
C LEU A 97 -0.69 17.06 26.02
N ARG A 98 0.59 17.26 26.30
CA ARG A 98 1.11 17.19 27.66
C ARG A 98 0.48 18.23 28.56
N GLU A 99 0.37 19.47 28.10
CA GLU A 99 -0.22 20.53 28.91
C GLU A 99 -1.70 20.30 29.18
N ILE A 100 -2.44 19.89 28.15
CA ILE A 100 -3.86 19.62 28.27
C ILE A 100 -4.11 18.58 29.36
N ILE A 101 -3.29 17.54 29.33
CA ILE A 101 -3.46 16.36 30.17
C ILE A 101 -2.94 16.55 31.61
N GLU A 102 -1.90 17.36 31.79
CA GLU A 102 -1.40 17.67 33.13
C GLU A 102 -2.43 18.49 33.92
N ASN A 103 -3.22 19.28 33.19
CA ASN A 103 -4.30 20.07 33.76
C ASN A 103 -5.50 19.16 34.11
N ALA A 104 -5.92 18.32 33.15
CA ALA A 104 -7.02 17.36 33.33
C ALA A 104 -6.82 16.34 34.45
N CYS A 105 -5.59 15.86 34.60
CA CYS A 105 -5.23 14.88 35.63
C CYS A 105 -3.74 14.94 35.92
N SER A 106 -3.04 13.81 35.79
CA SER A 106 -1.63 13.74 36.14
C SER A 106 -0.76 13.35 34.96
N GLY A 107 0.32 14.10 34.74
CA GLY A 107 1.24 13.78 33.65
C GLY A 107 2.12 12.61 34.05
N GLU A 108 2.36 12.51 35.35
CA GLU A 108 3.18 11.44 35.89
C GLU A 108 2.41 10.11 35.78
N ALA A 109 1.10 10.17 35.98
CA ALA A 109 0.25 8.99 35.87
C ALA A 109 0.15 8.49 34.44
N THR A 110 -0.18 9.41 33.52
CA THR A 110 -0.20 9.15 32.08
C THR A 110 1.07 8.47 31.56
N ILE A 111 2.24 8.93 32.02
CA ILE A 111 3.50 8.36 31.53
C ILE A 111 3.64 6.92 31.97
N VAL A 112 3.33 6.63 33.23
CA VAL A 112 3.33 5.26 33.72
C VAL A 112 2.42 4.39 32.86
N ALA A 113 1.23 4.92 32.57
CA ALA A 113 0.24 4.17 31.81
C ALA A 113 0.75 3.91 30.40
N LEU A 114 1.31 4.95 29.78
CA LEU A 114 1.90 4.82 28.47
C LEU A 114 3.04 3.78 28.44
N GLN A 115 3.85 3.72 29.51
CA GLN A 115 4.87 2.67 29.65
C GLN A 115 4.23 1.30 29.56
N GLU A 116 3.08 1.15 30.21
CA GLU A 116 2.40 -0.15 30.26
C GLU A 116 1.79 -0.53 28.93
N ILE A 117 1.34 0.46 28.17
CA ILE A 117 0.88 0.19 26.82
C ILE A 117 2.02 -0.43 26.02
N LYS A 118 3.20 0.17 26.14
CA LYS A 118 4.42 -0.30 25.47
C LYS A 118 4.72 -1.71 25.91
N ALA A 119 4.69 -1.91 27.22
CA ALA A 119 4.98 -3.21 27.79
C ALA A 119 4.01 -4.25 27.24
N ALA A 120 2.71 -3.97 27.36
CA ALA A 120 1.67 -4.90 26.96
C ALA A 120 1.75 -5.20 25.48
N SER A 121 2.01 -4.18 24.68
CA SER A 121 2.02 -4.35 23.26
C SER A 121 3.13 -5.30 22.92
N LEU A 122 4.29 -5.04 23.51
CA LEU A 122 5.48 -5.85 23.27
C LEU A 122 5.33 -7.31 23.65
N SER A 123 4.35 -7.62 24.51
CA SER A 123 4.19 -8.98 25.03
C SER A 123 3.45 -9.88 24.04
N TYR A 124 3.06 -9.31 22.90
CA TYR A 124 2.47 -10.10 21.83
C TYR A 124 3.51 -10.44 20.75
N PHE A 125 4.78 -10.11 21.01
CA PHE A 125 5.82 -10.40 20.03
C PHE A 125 7.04 -11.03 20.69
N ARG A 126 6.78 -11.97 21.58
CA ARG A 126 7.82 -12.77 22.26
C ARG A 126 8.76 -13.54 21.30
N LYS A 127 8.20 -14.09 20.23
CA LYS A 127 8.96 -14.94 19.34
C LYS A 127 9.39 -14.16 18.10
N ASP A 128 9.43 -12.83 18.21
CA ASP A 128 9.62 -11.99 17.03
C ASP A 128 10.36 -10.67 17.31
N PRO A 129 11.68 -10.77 17.52
CA PRO A 129 12.55 -9.62 17.82
C PRO A 129 12.41 -8.46 16.82
N GLU A 130 12.26 -8.75 15.53
CA GLU A 130 12.24 -7.68 14.55
C GLU A 130 10.95 -6.87 14.64
N ALA A 131 9.86 -7.56 14.94
CA ALA A 131 8.59 -6.90 15.14
C ALA A 131 8.63 -6.10 16.45
N ALA A 132 9.14 -6.73 17.50
CA ALA A 132 9.36 -6.04 18.76
C ALA A 132 10.14 -4.73 18.63
N GLU A 133 11.19 -4.72 17.80
CA GLU A 133 12.00 -3.51 17.60
C GLU A 133 11.13 -2.40 17.05
N ILE A 134 10.30 -2.77 16.09
CA ILE A 134 9.38 -1.83 15.48
C ILE A 134 8.38 -1.26 16.50
N VAL A 135 7.64 -2.14 17.15
CA VAL A 135 6.70 -1.74 18.19
C VAL A 135 7.38 -0.77 19.15
N SER A 136 8.60 -1.12 19.53
CA SER A 136 9.34 -0.37 20.55
C SER A 136 9.77 1.01 20.06
N GLN A 137 10.22 1.09 18.82
CA GLN A 137 10.58 2.38 18.25
C GLN A 137 9.39 3.34 18.27
N TYR A 138 8.23 2.84 17.87
CA TYR A 138 7.06 3.68 17.68
C TYR A 138 6.47 4.08 19.02
N MSE A 139 6.39 3.13 19.94
CA MSE A 139 6.02 3.43 21.31
C MSE A 139 6.93 4.50 21.93
O MSE A 139 6.48 5.39 22.64
CB MSE A 139 6.08 2.17 22.16
CG MSE A 139 5.10 1.11 21.80
SE MSE A 139 3.21 1.80 21.76
CE MSE A 139 3.15 2.52 23.65
N ASP A 140 8.24 4.39 21.66
CA ASP A 140 9.21 5.29 22.24
C ASP A 140 9.03 6.67 21.66
N VAL A 141 8.60 6.74 20.41
CA VAL A 141 8.28 8.01 19.79
C VAL A 141 7.09 8.59 20.53
N LEU A 142 6.05 7.78 20.72
CA LEU A 142 4.83 8.24 21.35
C LEU A 142 5.14 8.81 22.72
N ILE A 143 5.83 8.04 23.54
CA ILE A 143 6.23 8.48 24.87
C ILE A 143 7.10 9.74 24.85
N THR A 144 8.16 9.71 24.02
CA THR A 144 9.07 10.85 23.88
C THR A 144 8.32 12.16 23.59
N GLU A 145 7.45 12.13 22.56
CA GLU A 145 6.74 13.31 22.12
C GLU A 145 5.71 13.81 23.15
N PHE A 146 5.31 12.94 24.06
CA PHE A 146 4.44 13.35 25.15
C PHE A 146 5.25 13.95 26.28
N LYS A 147 6.52 13.61 26.35
CA LYS A 147 7.36 14.10 27.42
C LYS A 147 8.21 15.26 26.93
N ALA A 148 7.83 15.82 25.79
CA ALA A 148 8.50 17.00 25.24
C ALA A 148 8.15 18.27 26.02
N PRO A 149 9.05 19.27 25.98
CA PRO A 149 8.84 20.57 26.62
C PRO A 149 7.66 21.39 26.10
N LEU A 150 7.07 22.14 27.03
CA LEU A 150 5.94 23.03 26.75
C LEU A 150 6.36 24.44 26.31
N LEU B 2 -3.92 2.09 -1.36
CA LEU B 2 -3.94 3.34 -0.60
C LEU B 2 -4.02 3.05 0.90
N ALA B 3 -2.88 3.19 1.57
CA ALA B 3 -2.80 2.99 3.02
C ALA B 3 -3.16 4.27 3.78
N VAL B 4 -2.72 5.41 3.27
CA VAL B 4 -3.06 6.70 3.87
C VAL B 4 -4.57 6.99 3.78
N ALA B 5 -5.21 6.47 2.74
CA ALA B 5 -6.64 6.72 2.50
C ALA B 5 -7.51 5.93 3.48
N THR B 6 -7.11 4.70 3.80
CA THR B 6 -7.80 3.93 4.84
C THR B 6 -7.65 4.64 6.18
N ILE B 7 -6.48 5.19 6.43
CA ILE B 7 -6.23 5.84 7.70
C ILE B 7 -7.07 7.09 7.81
N THR B 8 -7.05 7.94 6.79
CA THR B 8 -7.82 9.18 6.90
C THR B 8 -9.34 8.93 7.05
N GLN B 9 -9.82 7.76 6.63
CA GLN B 9 -11.24 7.42 6.82
C GLN B 9 -11.52 7.03 8.26
N ALA B 10 -10.71 6.12 8.80
CA ALA B 10 -10.87 5.69 10.18
C ALA B 10 -10.61 6.81 11.19
N GLU B 11 -9.74 7.75 10.83
CA GLU B 11 -9.46 8.89 11.70
C GLU B 11 -10.73 9.72 11.91
N GLN B 12 -11.40 9.99 10.79
CA GLN B 12 -12.69 10.70 10.74
C GLN B 12 -13.75 10.14 11.70
N GLN B 13 -13.69 8.82 11.95
CA GLN B 13 -14.70 8.14 12.74
C GLN B 13 -14.17 7.80 14.13
N ASP B 14 -13.00 8.35 14.46
CA ASP B 14 -12.35 8.16 15.76
C ASP B 14 -12.23 6.68 16.14
N ARG B 15 -11.73 5.87 15.21
CA ARG B 15 -11.71 4.42 15.37
C ARG B 15 -10.46 3.70 14.84
N PHE B 16 -10.21 2.50 15.35
CA PHE B 16 -9.25 1.57 14.76
C PHE B 16 -9.68 1.06 13.38
N LEU B 17 -8.70 0.73 12.53
CA LEU B 17 -8.99 0.06 11.26
C LEU B 17 -9.65 -1.28 11.56
N GLY B 18 -10.68 -1.60 10.76
CA GLY B 18 -11.39 -2.86 10.88
C GLY B 18 -10.66 -4.02 10.23
N ARG B 19 -11.17 -5.23 10.45
CA ARG B 19 -10.52 -6.44 9.99
C ARG B 19 -10.34 -6.48 8.47
N GLY B 20 -11.36 -6.07 7.74
CA GLY B 20 -11.32 -6.11 6.29
C GLY B 20 -10.26 -5.15 5.80
N GLU B 21 -10.31 -3.93 6.31
CA GLU B 21 -9.33 -2.91 5.99
C GLU B 21 -7.91 -3.41 6.22
N LEU B 22 -7.66 -4.01 7.38
CA LEU B 22 -6.35 -4.54 7.70
C LEU B 22 -5.97 -5.73 6.82
N ASP B 23 -6.97 -6.53 6.46
CA ASP B 23 -6.77 -7.74 5.67
C ASP B 23 -6.48 -7.38 4.21
N GLU B 24 -7.16 -6.36 3.71
CA GLU B 24 -6.93 -5.84 2.37
C GLU B 24 -5.53 -5.29 2.25
N LEU B 25 -5.12 -4.49 3.24
CA LEU B 25 -3.77 -3.97 3.30
C LEU B 25 -2.71 -5.06 3.48
N ALA B 26 -3.02 -6.05 4.32
CA ALA B 26 -2.10 -7.18 4.51
C ALA B 26 -1.83 -7.89 3.18
N SER B 27 -2.86 -8.02 2.36
CA SER B 27 -2.74 -8.71 1.08
C SER B 27 -2.03 -7.85 0.04
N TYR B 28 -2.39 -6.57 -0.02
CA TYR B 28 -1.72 -5.65 -0.93
C TYR B 28 -0.21 -5.86 -0.87
N PHE B 29 0.32 -5.99 0.34
CA PHE B 29 1.75 -6.15 0.55
C PHE B 29 2.23 -7.59 0.36
N ALA B 30 1.43 -8.55 0.80
CA ALA B 30 1.82 -9.96 0.65
C ALA B 30 2.04 -10.27 -0.82
N SER B 31 1.12 -9.81 -1.66
CA SER B 31 1.17 -10.10 -3.09
C SER B 31 2.19 -9.24 -3.83
N GLY B 32 2.89 -8.38 -3.11
CA GLY B 32 3.87 -7.50 -3.72
C GLY B 32 4.97 -8.24 -4.47
N ALA B 33 5.62 -9.16 -3.78
CA ALA B 33 6.71 -9.96 -4.35
C ALA B 33 6.32 -10.53 -5.71
N LYS B 34 5.16 -11.17 -5.75
CA LYS B 34 4.61 -11.74 -6.97
C LYS B 34 4.32 -10.68 -8.03
N ARG B 35 3.60 -9.63 -7.68
CA ARG B 35 3.29 -8.58 -8.64
C ARG B 35 4.56 -8.01 -9.30
N LEU B 36 5.66 -8.00 -8.55
CA LEU B 36 6.92 -7.47 -9.06
C LEU B 36 7.66 -8.49 -9.91
N GLU B 37 7.55 -9.75 -9.53
CA GLU B 37 8.07 -10.81 -10.35
C GLU B 37 7.47 -10.74 -11.76
N ILE B 38 6.15 -10.61 -11.81
CA ILE B 38 5.38 -10.48 -13.04
C ILE B 38 5.80 -9.30 -13.90
N ALA B 39 5.94 -8.14 -13.27
CA ALA B 39 6.34 -6.93 -13.97
C ALA B 39 7.76 -7.06 -14.53
N GLN B 40 8.59 -7.87 -13.88
CA GLN B 40 9.97 -8.01 -14.30
C GLN B 40 10.04 -8.83 -15.57
N LEU B 41 9.26 -9.91 -15.64
CA LEU B 41 9.24 -10.75 -16.84
C LEU B 41 8.65 -10.01 -18.02
N LEU B 42 7.50 -9.38 -17.79
CA LEU B 42 6.80 -8.61 -18.81
C LEU B 42 7.70 -7.54 -19.39
N THR B 43 8.57 -6.98 -18.56
CA THR B 43 9.51 -5.96 -19.00
C THR B 43 10.68 -6.54 -19.79
N GLU B 44 11.38 -7.47 -19.14
CA GLU B 44 12.46 -8.24 -19.76
C GLU B 44 12.09 -8.77 -21.13
N ASN B 45 10.81 -9.05 -21.34
CA ASN B 45 10.34 -9.59 -22.60
C ASN B 45 9.38 -8.68 -23.35
N SER B 46 9.36 -7.41 -22.97
CA SER B 46 8.53 -6.41 -23.62
C SER B 46 8.68 -6.39 -25.14
N GLU B 47 9.93 -6.35 -25.63
CA GLU B 47 10.16 -6.32 -27.08
C GLU B 47 9.61 -7.58 -27.79
N ILE B 48 9.92 -8.77 -27.30
CA ILE B 48 9.35 -9.99 -27.89
C ILE B 48 7.83 -9.88 -27.94
N ILE B 49 7.21 -9.63 -26.78
CA ILE B 49 5.77 -9.45 -26.64
C ILE B 49 5.19 -8.46 -27.64
N VAL B 50 5.77 -7.27 -27.74
CA VAL B 50 5.23 -6.25 -28.66
C VAL B 50 5.43 -6.65 -30.14
N SER B 51 6.50 -7.37 -30.44
CA SER B 51 6.66 -7.95 -31.77
C SER B 51 5.50 -8.87 -32.14
N ARG B 52 5.20 -9.84 -31.30
CA ARG B 52 4.10 -10.78 -31.58
C ARG B 52 2.79 -10.05 -31.89
N ALA B 53 2.53 -8.97 -31.15
CA ALA B 53 1.27 -8.22 -31.25
C ALA B 53 1.13 -7.43 -32.56
N ALA B 54 2.24 -6.83 -32.96
CA ALA B 54 2.26 -6.02 -34.17
C ALA B 54 2.16 -6.86 -35.45
N ASN B 55 2.88 -7.99 -35.48
CA ASN B 55 2.83 -8.91 -36.63
C ASN B 55 1.44 -9.51 -36.80
N ARG B 56 0.76 -9.75 -35.69
CA ARG B 56 -0.59 -10.29 -35.72
C ARG B 56 -1.55 -9.36 -36.48
N ILE B 57 -1.22 -8.07 -36.54
CA ILE B 57 -2.03 -7.10 -37.30
C ILE B 57 -1.21 -6.33 -38.35
N PHE B 58 -0.08 -6.91 -38.76
CA PHE B 58 0.91 -6.30 -39.65
C PHE B 58 0.34 -5.60 -40.89
N GLN B 59 -0.69 -6.20 -41.49
CA GLN B 59 -1.15 -5.72 -42.79
C GLN B 59 -2.21 -4.64 -42.60
N LYS B 60 -2.55 -4.36 -41.35
CA LYS B 60 -3.48 -3.29 -41.05
C LYS B 60 -2.75 -2.01 -40.65
N ILE B 61 -1.43 -2.10 -40.52
CA ILE B 61 -0.61 -0.99 -40.03
C ILE B 61 -0.06 -0.16 -41.18
N GLU B 62 -0.05 1.15 -41.01
CA GLU B 62 0.54 2.03 -42.01
C GLU B 62 1.72 2.80 -41.43
N ASN B 63 1.53 3.38 -40.25
CA ASN B 63 2.65 3.94 -39.51
C ASN B 63 3.13 2.88 -38.53
N MSE B 64 4.25 2.29 -38.87
CA MSE B 64 4.81 1.20 -38.06
C MSE B 64 5.51 1.69 -36.78
O MSE B 64 5.39 1.07 -35.73
CB MSE B 64 5.75 0.39 -38.94
CG MSE B 64 6.39 -0.80 -38.27
SE MSE B 64 5.07 -2.22 -37.66
CE MSE B 64 4.51 -2.99 -39.42
N ALA B 65 6.24 2.81 -36.90
CA ALA B 65 6.93 3.45 -35.79
C ALA B 65 6.00 3.70 -34.60
N LYS B 66 4.82 4.22 -34.92
CA LYS B 66 3.83 4.61 -33.93
C LYS B 66 3.06 3.41 -33.36
N SER B 67 2.74 2.42 -34.18
CA SER B 67 2.06 1.27 -33.62
C SER B 67 3.00 0.54 -32.68
N LEU B 68 4.30 0.57 -32.97
CA LEU B 68 5.27 -0.10 -32.09
C LEU B 68 5.50 0.69 -30.83
N ARG B 69 5.34 1.99 -30.93
CA ARG B 69 5.40 2.89 -29.79
C ARG B 69 4.21 2.60 -28.88
N ASP B 70 3.02 2.65 -29.47
CA ASP B 70 1.79 2.50 -28.71
C ASP B 70 1.60 1.14 -28.08
N LEU B 71 1.93 0.08 -28.81
CA LEU B 71 1.77 -1.24 -28.23
C LEU B 71 2.69 -1.36 -27.03
N SER B 72 3.92 -0.85 -27.15
CA SER B 72 4.84 -0.79 -26.01
C SER B 72 4.25 0.03 -24.84
N TRP B 73 3.73 1.22 -25.11
CA TRP B 73 3.09 2.02 -24.08
C TRP B 73 1.97 1.29 -23.36
N PHE B 74 1.05 0.72 -24.13
CA PHE B 74 -0.02 -0.11 -23.58
C PHE B 74 0.50 -1.17 -22.59
N LEU B 75 1.56 -1.86 -22.96
CA LEU B 75 2.18 -2.82 -22.04
C LEU B 75 2.81 -2.12 -20.84
N ARG B 76 3.49 -1.00 -21.08
CA ARG B 76 4.15 -0.28 -20.00
C ARG B 76 3.15 0.16 -18.91
N TYR B 77 2.07 0.85 -19.29
CA TYR B 77 1.10 1.25 -18.28
C TYR B 77 0.48 0.03 -17.60
N ALA B 78 0.48 -1.12 -18.27
CA ALA B 78 -0.01 -2.32 -17.61
C ALA B 78 1.00 -2.84 -16.55
N THR B 79 2.30 -2.82 -16.85
CA THR B 79 3.28 -3.15 -15.83
C THR B 79 3.20 -2.15 -14.66
N TYR B 80 2.93 -0.88 -14.92
CA TYR B 80 2.68 0.07 -13.84
C TYR B 80 1.57 -0.44 -12.91
N ALA B 81 0.39 -0.61 -13.48
CA ALA B 81 -0.79 -1.11 -12.75
C ALA B 81 -0.47 -2.33 -11.91
N ILE B 82 0.10 -3.36 -12.53
CA ILE B 82 0.47 -4.57 -11.81
C ILE B 82 1.43 -4.30 -10.64
N VAL B 83 2.38 -3.39 -10.81
CA VAL B 83 3.34 -3.11 -9.75
C VAL B 83 2.66 -2.37 -8.59
N ALA B 84 1.74 -1.47 -8.94
CA ALA B 84 1.00 -0.66 -7.97
C ALA B 84 -0.19 -1.44 -7.47
N GLY B 85 -0.39 -2.62 -8.02
CA GLY B 85 -1.55 -3.44 -7.68
C GLY B 85 -2.84 -2.64 -7.70
N ASP B 86 -2.98 -1.74 -8.67
CA ASP B 86 -4.11 -0.83 -8.77
C ASP B 86 -4.51 -0.69 -10.20
N PRO B 87 -5.64 -1.30 -10.59
CA PRO B 87 -6.13 -1.28 -11.96
C PRO B 87 -6.58 0.11 -12.41
N ASN B 88 -6.68 1.07 -11.50
CA ASN B 88 -7.17 2.39 -11.90
C ASN B 88 -6.14 3.16 -12.73
N ILE B 89 -4.88 2.78 -12.62
CA ILE B 89 -3.84 3.37 -13.45
C ILE B 89 -4.15 3.14 -14.94
N ILE B 90 -4.62 1.94 -15.25
CA ILE B 90 -5.05 1.61 -16.60
C ILE B 90 -6.27 2.41 -17.01
N VAL B 91 -7.20 2.58 -16.08
CA VAL B 91 -8.45 3.28 -16.33
C VAL B 91 -8.24 4.77 -16.71
N VAL B 92 -7.27 5.42 -16.08
CA VAL B 92 -7.08 6.85 -16.26
C VAL B 92 -6.36 7.23 -17.55
N ASN B 93 -5.40 6.40 -17.95
CA ASN B 93 -4.58 6.69 -19.11
C ASN B 93 -5.19 6.14 -20.42
N THR B 94 -6.20 5.28 -20.28
CA THR B 94 -6.87 4.73 -21.44
C THR B 94 -8.15 5.52 -21.73
N ARG B 95 -8.46 6.49 -20.85
CA ARG B 95 -9.56 7.44 -21.04
C ARG B 95 -9.55 8.07 -22.43
N GLY B 96 -10.69 8.06 -23.10
CA GLY B 96 -10.86 8.66 -24.42
C GLY B 96 -9.77 8.35 -25.44
N LEU B 97 -9.11 7.21 -25.26
CA LEU B 97 -7.97 6.87 -26.08
C LEU B 97 -8.43 6.17 -27.35
N ARG B 98 -9.45 5.32 -27.26
CA ARG B 98 -10.03 4.67 -28.44
C ARG B 98 -10.47 5.66 -29.52
N GLU B 99 -11.08 6.77 -29.08
CA GLU B 99 -11.51 7.83 -30.00
C GLU B 99 -10.35 8.43 -30.81
N ILE B 100 -9.16 8.50 -30.20
CA ILE B 100 -7.94 8.96 -30.87
C ILE B 100 -7.40 7.97 -31.88
N ILE B 101 -7.18 6.73 -31.42
CA ILE B 101 -6.70 5.59 -32.21
C ILE B 101 -7.59 5.26 -33.41
N GLU B 102 -8.90 5.39 -33.21
CA GLU B 102 -9.85 5.03 -34.24
C GLU B 102 -9.86 6.08 -35.34
N ASN B 103 -9.37 7.28 -35.02
CA ASN B 103 -9.13 8.28 -36.03
C ASN B 103 -7.81 7.99 -36.75
N ALA B 104 -6.82 7.62 -35.95
CA ALA B 104 -5.46 7.43 -36.43
C ALA B 104 -5.32 6.24 -37.36
N CYS B 105 -5.89 5.13 -36.94
CA CYS B 105 -5.82 3.92 -37.71
C CYS B 105 -7.06 3.08 -37.45
N SER B 106 -6.89 1.82 -37.07
CA SER B 106 -8.08 0.98 -36.81
C SER B 106 -8.23 0.65 -35.32
N GLY B 107 -9.42 0.95 -34.80
CA GLY B 107 -9.78 0.60 -33.45
C GLY B 107 -9.87 -0.91 -33.30
N GLU B 108 -10.40 -1.60 -34.31
CA GLU B 108 -10.50 -3.05 -34.26
C GLU B 108 -9.12 -3.69 -34.27
N ALA B 109 -8.28 -3.26 -35.20
CA ALA B 109 -6.90 -3.75 -35.29
C ALA B 109 -6.22 -3.62 -33.93
N THR B 110 -6.34 -2.45 -33.32
CA THR B 110 -5.80 -2.22 -31.99
C THR B 110 -6.27 -3.29 -30.97
N ILE B 111 -7.57 -3.62 -30.97
CA ILE B 111 -8.10 -4.55 -29.97
C ILE B 111 -7.58 -5.97 -30.18
N VAL B 112 -7.44 -6.37 -31.44
CA VAL B 112 -6.87 -7.66 -31.79
C VAL B 112 -5.41 -7.73 -31.36
N ALA B 113 -4.71 -6.60 -31.49
CA ALA B 113 -3.31 -6.50 -31.07
C ALA B 113 -3.18 -6.59 -29.56
N LEU B 114 -4.08 -5.90 -28.87
CA LEU B 114 -4.07 -5.89 -27.43
C LEU B 114 -4.32 -7.31 -26.93
N GLN B 115 -5.17 -8.05 -27.64
CA GLN B 115 -5.47 -9.42 -27.25
C GLN B 115 -4.24 -10.28 -27.39
N GLU B 116 -3.48 -10.06 -28.45
CA GLU B 116 -2.23 -10.78 -28.62
C GLU B 116 -1.20 -10.33 -27.57
N ILE B 117 -1.28 -9.11 -27.09
CA ILE B 117 -0.41 -8.73 -25.99
C ILE B 117 -0.73 -9.60 -24.78
N LYS B 118 -2.03 -9.79 -24.52
CA LYS B 118 -2.46 -10.59 -23.39
C LYS B 118 -1.92 -11.99 -23.50
N ALA B 119 -2.11 -12.57 -24.68
CA ALA B 119 -1.64 -13.90 -25.01
C ALA B 119 -0.15 -14.03 -24.77
N ALA B 120 0.60 -13.14 -25.41
CA ALA B 120 2.05 -13.15 -25.32
C ALA B 120 2.51 -13.08 -23.87
N SER B 121 1.86 -12.23 -23.09
CA SER B 121 2.23 -12.07 -21.70
C SER B 121 1.96 -13.36 -20.96
N LEU B 122 0.76 -13.91 -21.18
CA LEU B 122 0.33 -15.12 -20.50
C LEU B 122 1.24 -16.29 -20.85
N SER B 123 1.87 -16.25 -22.02
CA SER B 123 2.76 -17.33 -22.43
C SER B 123 3.95 -17.54 -21.46
N TYR B 124 4.33 -16.49 -20.72
CA TYR B 124 5.42 -16.55 -19.74
C TYR B 124 5.02 -16.99 -18.31
N PHE B 125 3.79 -17.42 -18.10
CA PHE B 125 3.37 -17.87 -16.77
C PHE B 125 2.65 -19.22 -16.83
N ARG B 126 3.16 -20.10 -17.68
CA ARG B 126 2.59 -21.42 -17.91
C ARG B 126 2.63 -22.30 -16.65
N LYS B 127 3.68 -22.14 -15.83
CA LYS B 127 3.85 -22.95 -14.62
C LYS B 127 3.37 -22.25 -13.31
N ASP B 128 2.50 -21.24 -13.43
CA ASP B 128 2.20 -20.33 -12.32
C ASP B 128 0.77 -19.77 -12.45
N PRO B 129 -0.24 -20.63 -12.21
CA PRO B 129 -1.63 -20.21 -12.39
C PRO B 129 -2.01 -18.97 -11.58
N GLU B 130 -1.41 -18.80 -10.41
CA GLU B 130 -1.64 -17.61 -9.60
C GLU B 130 -1.29 -16.32 -10.38
N ALA B 131 -0.06 -16.25 -10.87
CA ALA B 131 0.44 -15.12 -11.64
C ALA B 131 -0.36 -14.92 -12.92
N ALA B 132 -0.78 -16.03 -13.51
CA ALA B 132 -1.52 -15.98 -14.76
C ALA B 132 -2.78 -15.18 -14.54
N GLU B 133 -3.40 -15.40 -13.38
CA GLU B 133 -4.67 -14.74 -13.03
C GLU B 133 -4.47 -13.25 -12.87
N ILE B 134 -3.41 -12.84 -12.18
CA ILE B 134 -3.06 -11.43 -12.12
C ILE B 134 -2.85 -10.84 -13.51
N VAL B 135 -2.08 -11.50 -14.36
CA VAL B 135 -1.82 -10.96 -15.70
C VAL B 135 -3.13 -10.88 -16.49
N SER B 136 -3.98 -11.90 -16.39
CA SER B 136 -5.28 -11.88 -17.07
C SER B 136 -6.15 -10.72 -16.60
N GLN B 137 -6.29 -10.64 -15.28
CA GLN B 137 -7.05 -9.59 -14.64
C GLN B 137 -6.68 -8.22 -15.22
N TYR B 138 -5.42 -7.84 -15.07
CA TYR B 138 -5.00 -6.49 -15.41
C TYR B 138 -5.06 -6.24 -16.91
N MSE B 139 -4.69 -7.24 -17.71
CA MSE B 139 -4.89 -7.19 -19.17
C MSE B 139 -6.35 -6.97 -19.58
O MSE B 139 -6.62 -6.17 -20.49
CB MSE B 139 -4.40 -8.48 -19.84
CG MSE B 139 -2.90 -8.67 -19.81
SE MSE B 139 -1.90 -7.09 -20.61
CE MSE B 139 -2.75 -7.15 -22.41
N ASP B 140 -7.27 -7.70 -18.94
CA ASP B 140 -8.70 -7.64 -19.27
C ASP B 140 -9.21 -6.23 -19.05
N VAL B 141 -8.70 -5.61 -17.97
CA VAL B 141 -9.11 -4.26 -17.59
C VAL B 141 -8.66 -3.29 -18.65
N LEU B 142 -7.48 -3.57 -19.22
CA LEU B 142 -6.94 -2.72 -20.27
C LEU B 142 -7.78 -2.82 -21.54
N ILE B 143 -8.17 -4.03 -21.91
CA ILE B 143 -8.98 -4.23 -23.12
C ILE B 143 -10.38 -3.69 -22.95
N THR B 144 -10.95 -3.91 -21.75
CA THR B 144 -12.32 -3.48 -21.51
C THR B 144 -12.44 -1.95 -21.50
N GLU B 145 -11.49 -1.28 -20.85
CA GLU B 145 -11.50 0.18 -20.82
C GLU B 145 -11.38 0.71 -22.23
N PHE B 146 -10.54 0.09 -23.03
CA PHE B 146 -10.37 0.53 -24.41
C PHE B 146 -11.64 0.32 -25.25
N LYS B 147 -12.37 -0.77 -25.00
CA LYS B 147 -13.63 -1.05 -25.71
C LYS B 147 -14.74 -0.04 -25.37
N ALA B 148 -14.95 0.24 -24.09
CA ALA B 148 -15.95 1.21 -23.60
C ALA B 148 -17.33 1.07 -24.24
CHA CYC C . -9.13 15.40 28.22
NA CYC C . -7.81 14.25 26.57
C1A CYC C . -8.50 15.30 26.90
C2A CYC C . -8.62 16.29 25.81
C3A CYC C . -7.85 15.70 24.73
C4A CYC C . -7.40 14.45 25.32
CMA CYC C . -7.62 16.27 23.38
CAA CYC C . -9.32 17.59 25.78
CBA CYC C . -10.43 17.46 24.76
CGA CYC C . -11.60 16.77 25.36
O1A CYC C . -11.97 17.16 26.45
O2A CYC C . -12.12 15.86 24.76
CHB CYC C . -6.59 13.35 24.79
NB CYC C . -6.78 13.71 22.41
C1B CYC C . -6.30 13.02 23.40
C2B CYC C . -5.51 11.87 23.00
C3B CYC C . -5.47 11.94 21.54
C4B CYC C . -6.30 13.12 21.35
CMB CYC C . -4.87 10.94 23.93
CAB CYC C . -4.84 11.08 20.50
CBB CYC C . -3.36 11.08 20.53
OB CYC C . -6.54 13.51 20.19
NC CYC C . -5.97 11.36 30.12
C1C CYC C . -4.97 10.54 30.08
C2C CYC C . -4.71 9.99 31.40
C3C CYC C . -5.82 10.58 32.25
C4C CYC C . -6.50 11.47 31.27
CMC CYC C . -4.72 8.49 31.33
CAC CYC C . -5.26 11.29 33.50
CBC CYC C . -4.43 10.50 34.50
OC CYC C . -4.31 10.30 29.13
CHD CYC C . -7.62 12.10 31.55
ND CYC C . -8.14 13.62 29.67
C1D CYC C . -8.44 13.10 30.84
C2D CYC C . -9.57 13.73 31.48
C3D CYC C . -10.01 14.73 30.52
C4D CYC C . -9.08 14.54 29.43
CMD CYC C . -10.09 13.38 32.82
CAD CYC C . -11.15 15.70 30.56
CBD CYC C . -10.87 16.73 31.62
CGD CYC C . -10.50 18.08 31.05
O1D CYC C . -10.83 18.30 29.89
O2D CYC C . -9.90 18.91 31.74
CHA CYC D . -1.36 8.35 -32.10
NA CYC D . -1.41 7.24 -29.91
C1A CYC D . -1.49 8.35 -30.62
C2A CYC D . -1.67 9.55 -29.80
C3A CYC D . -1.70 9.03 -28.45
C4A CYC D . -1.51 7.60 -28.64
CMA CYC D . -1.86 9.76 -27.17
CAA CYC D . -1.77 10.96 -30.27
CBA CYC D . -0.53 11.69 -29.83
CGA CYC D . 0.70 11.19 -30.51
O1A CYC D . 0.77 11.37 -31.73
O2A CYC D . 1.61 10.65 -29.89
CHB CYC D . -1.46 6.47 -27.74
NB CYC D . -1.16 7.40 -25.49
C1B CYC D . -1.31 6.37 -26.28
C2B CYC D . -1.29 5.06 -25.63
C3B CYC D . -1.15 5.39 -24.22
C4B CYC D . -1.08 6.84 -24.31
CMB CYC D . -1.45 3.79 -26.35
CAB CYC D . -1.05 4.54 -23.00
CBB CYC D . -2.18 3.60 -22.80
OB CYC D . -0.94 7.55 -23.29
NC CYC D . -1.41 3.00 -32.49
C1C CYC D . -1.71 1.87 -31.94
C2C CYC D . -2.22 0.91 -32.95
C3C CYC D . -2.16 1.67 -34.26
C4C CYC D . -1.66 2.97 -33.75
CMC CYC D . -1.44 -0.38 -33.01
CAC CYC D . -3.55 1.69 -34.95
CBC CYC D . -4.58 0.66 -34.60
OC CYC D . -1.64 1.64 -30.78
CHD CYC D . -1.67 4.06 -34.49
ND CYC D . -1.59 6.04 -33.01
C1D CYC D . -1.35 5.45 -34.18
C2D CYC D . -0.92 6.37 -35.19
C3D CYC D . -0.86 7.65 -34.51
C4D CYC D . -1.24 7.31 -33.15
CMD CYC D . -0.63 6.04 -36.60
CAD CYC D . -0.42 8.97 -35.02
CBD CYC D . -1.61 9.78 -35.45
CGD CYC D . -1.19 10.97 -36.26
O1D CYC D . 0.01 11.20 -36.47
O2D CYC D . -2.09 11.70 -36.70
#